data_4WMU
#
_entry.id   4WMU
#
_cell.length_a   98.870
_cell.length_b   135.900
_cell.length_c   37.680
_cell.angle_alpha   90.000
_cell.angle_beta   90.000
_cell.angle_gamma   90.000
#
_symmetry.space_group_name_H-M   'P 21 21 2'
#
loop_
_entity.id
_entity.type
_entity.pdbx_description
1 polymer 'MBP-MCL1 chimera protein,Induced myeloid leukemia cell differentiation protein Mcl-1'
2 branched alpha-D-glucopyranose-(1-4)-alpha-D-glucopyranose
3 non-polymer '6-chloro-3-[3-(4-chloro-3,5-dimethylphenoxy)propyl]-1H-indole-2-carboxylic acid'
4 non-polymer 'MAGNESIUM ION'
5 non-polymer 'FORMIC ACID'
6 non-polymer 'SODIUM ION'
7 non-polymer 1,2-ETHANEDIOL
8 water water
#
_entity_poly.entity_id   1
_entity_poly.type   'polypeptide(L)'
_entity_poly.pdbx_seq_one_letter_code
;GKIEEGKLVIWINGDKGYNGLAEVGKKFEKDTGIKVTVEHPDKLEEKFPQVAATGDGPDIIFWAHDRFGGYAQSGLLAEI
TPDKAFQDKLYPFTWDAVRYNGKLIAYPIAVEALSLIYNKDLLPNPPKTWEEIPALDKELKAKGKSALMFNLQEPYFTWP
LIAADGGYAFKYENGKYDIKDVGVDNAGAKAGLTFLVDLIKNKHMNADTDYSIAEAAFNKGETAMTINGPWAWSNIDTSK
VNYGVTVLPTFKGQPSKPFVGVLSAGINAASPNKELAKEFLENYLLTDEGLEAVNKDKPLGAVALKSYEEELAKDPRIAA
TMENAQKGEIMPNIPQMSAFWYAVRTAVINAASGRQTVDEALKDAQTGSELYRQSLEIISRYLREQATGAADTAPMGASG
ATSRKALETLRRVGDGVQRNHETAFQGMLRKLDIKNEDDVKSLSRVMIHVFSDGVTNWGRIVTLISFGAFVAKHLKTINQ
ESCIEPLAESITDVLVRTKRDWLVKQRGWDGFVEFFHV
;
_entity_poly.pdbx_strand_id   A
#
loop_
_chem_comp.id
_chem_comp.type
_chem_comp.name
_chem_comp.formula
19H non-polymer '6-chloro-3-[3-(4-chloro-3,5-dimethylphenoxy)propyl]-1H-indole-2-carboxylic acid' 'C20 H19 Cl2 N O3'
EDO non-polymer 1,2-ETHANEDIOL 'C2 H6 O2'
FMT non-polymer 'FORMIC ACID' 'C H2 O2'
GLC D-saccharide, alpha linking alpha-D-glucopyranose 'C6 H12 O6'
MG non-polymer 'MAGNESIUM ION' 'Mg 2'
NA non-polymer 'SODIUM ION' 'Na 1'
#
# COMPACT_ATOMS: atom_id res chain seq x y z
N GLY A 1 -24.31 -10.46 13.13
CA GLY A 1 -23.34 -10.14 12.09
C GLY A 1 -23.79 -10.61 10.72
N LYS A 2 -23.04 -10.21 9.70
CA LYS A 2 -23.38 -10.52 8.31
C LYS A 2 -22.60 -11.71 7.79
N ILE A 3 -21.45 -11.98 8.38
CA ILE A 3 -20.62 -13.10 7.95
C ILE A 3 -21.19 -14.39 8.55
N GLU A 4 -21.30 -15.43 7.73
CA GLU A 4 -21.94 -16.68 8.15
CA GLU A 4 -21.93 -16.68 8.16
C GLU A 4 -21.08 -17.46 9.15
N GLU A 5 -21.72 -17.92 10.22
CA GLU A 5 -21.05 -18.70 11.25
C GLU A 5 -20.82 -20.12 10.78
N GLY A 6 -19.70 -20.71 11.20
CA GLY A 6 -19.50 -22.13 11.03
C GLY A 6 -19.04 -22.54 9.65
N LYS A 7 -18.41 -21.62 8.95
CA LYS A 7 -17.73 -21.90 7.69
C LYS A 7 -16.62 -20.88 7.50
N LEU A 8 -15.78 -21.09 6.50
CA LEU A 8 -14.70 -20.14 6.19
C LEU A 8 -14.77 -19.69 4.75
N VAL A 9 -14.74 -18.37 4.56
CA VAL A 9 -14.63 -17.74 3.24
C VAL A 9 -13.28 -17.03 3.18
N ILE A 10 -12.50 -17.34 2.14
CA ILE A 10 -11.13 -16.87 2.03
C ILE A 10 -10.94 -16.13 0.71
N TRP A 11 -10.37 -14.94 0.76
CA TRP A 11 -10.11 -14.16 -0.45
C TRP A 11 -8.60 -14.03 -0.67
N ILE A 12 -8.15 -14.34 -1.88
CA ILE A 12 -6.73 -14.19 -2.25
C ILE A 12 -6.63 -13.62 -3.67
N ASN A 13 -5.56 -12.92 -3.98
CA ASN A 13 -5.47 -12.28 -5.29
C ASN A 13 -5.33 -13.29 -6.42
N GLY A 14 -5.82 -12.90 -7.59
CA GLY A 14 -5.87 -13.78 -8.75
C GLY A 14 -4.53 -14.18 -9.36
N ASP A 15 -3.43 -13.55 -8.95
CA ASP A 15 -2.12 -13.96 -9.44
C ASP A 15 -1.43 -14.97 -8.50
N LYS A 16 -2.11 -15.39 -7.44
CA LYS A 16 -1.53 -16.35 -6.50
CA LYS A 16 -1.56 -16.33 -6.48
C LYS A 16 -2.10 -17.75 -6.71
N GLY A 17 -1.52 -18.73 -6.01
CA GLY A 17 -1.91 -20.13 -6.16
C GLY A 17 -3.22 -20.48 -5.46
N TYR A 18 -4.33 -19.92 -5.96
CA TYR A 18 -5.60 -20.11 -5.26
C TYR A 18 -6.17 -21.53 -5.39
N ASN A 19 -5.80 -22.25 -6.44
CA ASN A 19 -6.24 -23.64 -6.55
C ASN A 19 -5.50 -24.50 -5.53
N GLY A 20 -4.21 -24.23 -5.33
CA GLY A 20 -3.44 -24.87 -4.28
C GLY A 20 -3.99 -24.55 -2.91
N LEU A 21 -4.34 -23.30 -2.68
CA LEU A 21 -4.95 -22.89 -1.43
C LEU A 21 -6.27 -23.63 -1.22
N ALA A 22 -7.05 -23.79 -2.28
CA ALA A 22 -8.32 -24.51 -2.19
C ALA A 22 -8.11 -25.97 -1.81
N GLU A 23 -7.00 -26.57 -2.24
CA GLU A 23 -6.64 -27.93 -1.83
C GLU A 23 -6.43 -27.99 -0.32
N VAL A 24 -5.80 -26.97 0.25
CA VAL A 24 -5.61 -26.91 1.69
C VAL A 24 -6.98 -26.76 2.37
N GLY A 25 -7.84 -25.93 1.80
CA GLY A 25 -9.20 -25.81 2.30
C GLY A 25 -9.97 -27.12 2.28
N LYS A 26 -9.75 -27.93 1.24
CA LYS A 26 -10.44 -29.21 1.12
C LYS A 26 -9.96 -30.17 2.20
N LYS A 27 -8.68 -30.12 2.55
CA LYS A 27 -8.17 -30.95 3.64
C LYS A 27 -8.82 -30.58 4.97
N PHE A 28 -8.99 -29.28 5.20
CA PHE A 28 -9.65 -28.77 6.40
C PHE A 28 -11.09 -29.28 6.45
N GLU A 29 -11.76 -29.13 5.32
CA GLU A 29 -13.13 -29.61 5.14
C GLU A 29 -13.29 -31.11 5.40
N LYS A 30 -12.34 -31.90 4.90
CA LYS A 30 -12.35 -33.35 5.08
C LYS A 30 -12.28 -33.73 6.56
N ASP A 31 -11.40 -33.05 7.29
CA ASP A 31 -11.23 -33.30 8.73
C ASP A 31 -12.46 -32.92 9.55
N THR A 32 -13.09 -31.81 9.19
CA THR A 32 -14.01 -31.15 10.12
C THR A 32 -15.48 -31.13 9.72
N GLY A 33 -15.76 -31.32 8.44
CA GLY A 33 -17.13 -31.22 7.95
C GLY A 33 -17.52 -29.76 7.77
N ILE A 34 -16.54 -28.88 7.91
CA ILE A 34 -16.73 -27.43 7.79
CA ILE A 34 -16.75 -27.43 7.79
C ILE A 34 -16.36 -26.92 6.41
N LYS A 35 -17.31 -26.25 5.76
CA LYS A 35 -17.12 -25.71 4.41
C LYS A 35 -16.04 -24.62 4.34
N VAL A 36 -15.14 -24.74 3.38
CA VAL A 36 -14.15 -23.72 3.09
C VAL A 36 -14.28 -23.30 1.63
N THR A 37 -14.35 -22.00 1.39
CA THR A 37 -14.51 -21.47 0.04
C THR A 37 -13.42 -20.45 -0.25
N VAL A 38 -12.65 -20.69 -1.30
CA VAL A 38 -11.61 -19.76 -1.73
C VAL A 38 -12.09 -18.98 -2.94
N GLU A 39 -12.00 -17.65 -2.88
CA GLU A 39 -12.35 -16.81 -4.02
C GLU A 39 -11.19 -15.88 -4.36
N HIS A 40 -11.15 -15.42 -5.61
CA HIS A 40 -10.15 -14.41 -6.00
C HIS A 40 -10.83 -13.22 -6.68
N PRO A 41 -11.44 -12.36 -5.85
CA PRO A 41 -12.20 -11.23 -6.39
C PRO A 41 -11.34 -10.24 -7.16
N ASP A 42 -11.94 -9.66 -8.19
CA ASP A 42 -11.35 -8.54 -8.92
C ASP A 42 -11.11 -7.36 -7.96
N LYS A 43 -9.99 -6.64 -8.15
CA LYS A 43 -9.67 -5.46 -7.33
C LYS A 43 -9.81 -5.76 -5.85
N LEU A 44 -9.30 -6.91 -5.46
CA LEU A 44 -9.43 -7.41 -4.10
C LEU A 44 -9.02 -6.39 -3.03
N GLU A 45 -7.91 -5.70 -3.27
CA GLU A 45 -7.36 -4.82 -2.25
C GLU A 45 -8.26 -3.62 -1.99
N GLU A 46 -9.17 -3.31 -2.92
CA GLU A 46 -10.16 -2.26 -2.72
C GLU A 46 -11.53 -2.82 -2.31
N LYS A 47 -11.85 -4.01 -2.81
CA LYS A 47 -13.12 -4.64 -2.48
C LYS A 47 -13.17 -5.03 -1.00
N PHE A 48 -12.08 -5.57 -0.47
CA PHE A 48 -12.10 -5.98 0.94
C PHE A 48 -12.46 -4.84 1.90
N PRO A 49 -11.77 -3.68 1.84
CA PRO A 49 -12.15 -2.65 2.81
C PRO A 49 -13.56 -2.11 2.58
N GLN A 50 -14.04 -2.12 1.34
CA GLN A 50 -15.41 -1.70 1.07
C GLN A 50 -16.41 -2.57 1.82
N VAL A 51 -16.30 -3.88 1.66
CA VAL A 51 -17.26 -4.79 2.29
C VAL A 51 -17.02 -4.96 3.81
N ALA A 52 -15.76 -4.94 4.24
CA ALA A 52 -15.48 -5.15 5.66
C ALA A 52 -15.93 -3.95 6.49
N ALA A 53 -15.96 -2.77 5.88
CA ALA A 53 -16.38 -1.56 6.58
C ALA A 53 -17.83 -1.67 7.00
N THR A 54 -18.58 -2.52 6.30
CA THR A 54 -19.99 -2.76 6.62
C THR A 54 -20.19 -4.00 7.48
N GLY A 55 -19.09 -4.60 7.95
CA GLY A 55 -19.17 -5.78 8.78
C GLY A 55 -19.40 -7.05 7.98
N ASP A 56 -19.02 -7.00 6.71
CA ASP A 56 -19.25 -8.11 5.78
C ASP A 56 -17.91 -8.57 5.20
N GLY A 57 -17.97 -9.51 4.26
CA GLY A 57 -16.77 -9.94 3.56
C GLY A 57 -16.26 -11.30 3.97
N PRO A 58 -15.01 -11.61 3.60
CA PRO A 58 -14.44 -12.93 3.90
C PRO A 58 -13.99 -13.04 5.34
N ASP A 59 -13.88 -14.25 5.84
CA ASP A 59 -13.26 -14.47 7.13
C ASP A 59 -11.76 -14.18 7.11
N ILE A 60 -11.10 -14.53 5.99
CA ILE A 60 -9.66 -14.42 5.84
C ILE A 60 -9.35 -13.69 4.56
N ILE A 61 -8.49 -12.68 4.66
CA ILE A 61 -8.06 -11.87 3.53
C ILE A 61 -6.55 -11.99 3.34
N PHE A 62 -6.13 -12.32 2.11
CA PHE A 62 -4.71 -12.37 1.75
C PHE A 62 -4.32 -11.15 0.92
N TRP A 63 -3.20 -10.54 1.31
CA TRP A 63 -2.57 -9.49 0.49
C TRP A 63 -1.15 -9.32 1.00
N ALA A 64 -0.32 -8.59 0.25
CA ALA A 64 0.95 -8.14 0.82
C ALA A 64 0.68 -7.29 2.05
N HIS A 65 1.62 -7.31 2.97
CA HIS A 65 1.44 -6.71 4.30
C HIS A 65 1.23 -5.20 4.26
N ASP A 66 1.62 -4.53 3.17
CA ASP A 66 1.57 -3.07 3.16
C ASP A 66 0.16 -2.49 3.31
N ARG A 67 -0.86 -3.21 2.87
CA ARG A 67 -2.23 -2.71 2.96
C ARG A 67 -2.87 -2.96 4.32
N PHE A 68 -2.26 -3.80 5.13
CA PHE A 68 -2.94 -4.26 6.36
CA PHE A 68 -2.95 -4.25 6.34
C PHE A 68 -2.96 -3.21 7.46
N GLY A 69 -2.01 -2.28 7.45
CA GLY A 69 -2.01 -1.21 8.44
C GLY A 69 -3.26 -0.34 8.30
N GLY A 70 -3.59 0.01 7.06
CA GLY A 70 -4.79 0.77 6.78
C GLY A 70 -6.03 0.01 7.21
N TYR A 71 -6.07 -1.29 6.90
CA TYR A 71 -7.22 -2.08 7.31
C TYR A 71 -7.36 -2.10 8.83
N ALA A 72 -6.24 -2.29 9.53
CA ALA A 72 -6.25 -2.29 10.99
C ALA A 72 -6.68 -0.94 11.56
N GLN A 73 -6.13 0.14 10.99
CA GLN A 73 -6.48 1.50 11.41
C GLN A 73 -8.00 1.71 11.31
N SER A 74 -8.61 1.11 10.30
CA SER A 74 -10.05 1.22 10.07
C SER A 74 -10.88 0.22 10.86
N GLY A 75 -10.24 -0.60 11.68
CA GLY A 75 -10.93 -1.53 12.54
C GLY A 75 -11.43 -2.77 11.82
N LEU A 76 -10.80 -3.09 10.69
CA LEU A 76 -11.29 -4.19 9.85
C LEU A 76 -10.63 -5.54 10.15
N LEU A 77 -9.60 -5.55 10.99
CA LEU A 77 -8.85 -6.77 11.28
C LEU A 77 -8.85 -7.16 12.74
N ALA A 78 -8.88 -8.46 12.99
CA ALA A 78 -8.73 -8.98 14.33
C ALA A 78 -7.25 -9.01 14.72
N GLU A 79 -6.95 -8.74 15.99
CA GLU A 79 -5.60 -8.97 16.49
C GLU A 79 -5.36 -10.48 16.49
N ILE A 80 -4.24 -10.95 15.98
CA ILE A 80 -4.05 -12.38 16.00
C ILE A 80 -3.20 -12.76 17.23
N THR A 81 -3.39 -13.97 17.73
CA THR A 81 -2.80 -14.40 18.99
C THR A 81 -2.07 -15.74 18.89
N PRO A 82 -1.03 -15.82 18.04
CA PRO A 82 -0.30 -17.09 18.01
C PRO A 82 0.46 -17.29 19.31
N ASP A 83 0.52 -18.52 19.79
CA ASP A 83 1.29 -18.79 21.00
C ASP A 83 2.78 -18.74 20.65
N LYS A 84 3.61 -18.71 21.68
CA LYS A 84 5.05 -18.59 21.52
C LYS A 84 5.63 -19.66 20.59
N ALA A 85 5.19 -20.89 20.78
CA ALA A 85 5.72 -21.99 19.96
C ALA A 85 5.42 -21.78 18.50
N PHE A 86 4.21 -21.35 18.17
CA PHE A 86 3.90 -21.08 16.78
C PHE A 86 4.71 -19.91 16.25
N GLN A 87 4.80 -18.83 17.04
CA GLN A 87 5.57 -17.67 16.57
C GLN A 87 6.99 -18.06 16.24
N ASP A 88 7.59 -18.92 17.06
CA ASP A 88 8.99 -19.29 16.85
C ASP A 88 9.19 -20.17 15.59
N LYS A 89 8.10 -20.62 14.97
CA LYS A 89 8.21 -21.38 13.72
C LYS A 89 8.44 -20.49 12.50
N LEU A 90 8.19 -19.19 12.62
CA LEU A 90 8.37 -18.27 11.49
C LEU A 90 9.51 -17.30 11.76
N TYR A 91 10.15 -16.80 10.71
CA TYR A 91 11.24 -15.83 10.90
C TYR A 91 10.73 -14.56 11.58
N PRO A 92 11.46 -14.08 12.59
CA PRO A 92 11.02 -12.86 13.29
C PRO A 92 10.76 -11.65 12.39
N PHE A 93 11.56 -11.44 11.34
CA PHE A 93 11.32 -10.26 10.51
C PHE A 93 9.99 -10.36 9.74
N THR A 94 9.46 -11.56 9.54
CA THR A 94 8.18 -11.65 8.87
C THR A 94 7.05 -11.24 9.83
N TRP A 95 7.15 -11.59 11.11
CA TRP A 95 6.22 -11.05 12.12
C TRP A 95 6.30 -9.53 12.21
N ASP A 96 7.51 -8.98 12.10
CA ASP A 96 7.69 -7.53 12.13
C ASP A 96 6.85 -6.85 11.04
N ALA A 97 6.74 -7.48 9.87
CA ALA A 97 6.01 -6.87 8.76
C ALA A 97 4.51 -6.82 8.99
N VAL A 98 4.01 -7.61 9.95
CA VAL A 98 2.57 -7.64 10.21
C VAL A 98 2.25 -7.14 11.64
N ARG A 99 3.16 -6.34 12.17
CA ARG A 99 2.91 -5.68 13.46
C ARG A 99 2.48 -4.24 13.18
N TYR A 100 1.40 -3.80 13.83
CA TYR A 100 0.88 -2.45 13.64
C TYR A 100 0.45 -1.90 14.99
N ASN A 101 0.99 -0.75 15.36
CA ASN A 101 0.79 -0.18 16.70
C ASN A 101 0.99 -1.20 17.80
N GLY A 102 2.05 -2.01 17.67
CA GLY A 102 2.42 -2.97 18.68
C GLY A 102 1.67 -4.28 18.70
N LYS A 103 0.70 -4.44 17.80
CA LYS A 103 -0.12 -5.64 17.75
C LYS A 103 0.08 -6.40 16.45
N LEU A 104 0.07 -7.73 16.52
CA LEU A 104 0.11 -8.53 15.31
C LEU A 104 -1.28 -8.52 14.66
N ILE A 105 -1.33 -8.20 13.36
CA ILE A 105 -2.64 -8.08 12.71
CA ILE A 105 -2.62 -8.03 12.68
C ILE A 105 -2.80 -8.99 11.49
N ALA A 106 -1.86 -9.90 11.31
CA ALA A 106 -1.94 -10.92 10.26
C ALA A 106 -0.91 -12.02 10.48
N TYR A 107 -1.10 -13.13 9.79
CA TYR A 107 -0.10 -14.19 9.71
C TYR A 107 0.75 -13.98 8.47
N PRO A 108 2.07 -13.92 8.64
CA PRO A 108 2.92 -13.81 7.45
C PRO A 108 3.08 -15.15 6.75
N ILE A 109 3.09 -15.13 5.43
CA ILE A 109 3.14 -16.36 4.64
C ILE A 109 4.45 -16.47 3.85
N ALA A 110 4.81 -15.44 3.10
CA ALA A 110 5.99 -15.55 2.24
C ALA A 110 6.52 -14.19 1.85
N VAL A 111 7.83 -14.15 1.60
CA VAL A 111 8.51 -12.92 1.22
C VAL A 111 8.61 -12.83 -0.30
N GLU A 112 8.11 -11.73 -0.84
CA GLU A 112 8.07 -11.48 -2.29
C GLU A 112 9.01 -10.35 -2.68
N ALA A 113 9.88 -10.60 -3.67
CA ALA A 113 10.62 -9.51 -4.31
C ALA A 113 10.63 -9.75 -5.79
N LEU A 114 10.58 -8.66 -6.55
CA LEU A 114 10.77 -8.72 -7.99
C LEU A 114 12.21 -9.10 -8.36
N SER A 115 12.33 -9.87 -9.44
CA SER A 115 13.64 -10.15 -10.03
C SER A 115 13.61 -9.87 -11.52
N LEU A 116 14.79 -9.84 -12.12
CA LEU A 116 14.91 -9.85 -13.57
C LEU A 116 14.78 -11.28 -14.07
N ILE A 117 13.80 -11.52 -14.93
CA ILE A 117 13.61 -12.84 -15.53
C ILE A 117 14.03 -12.74 -16.98
N TYR A 118 14.87 -13.66 -17.44
CA TYR A 118 15.41 -13.51 -18.78
C TYR A 118 15.42 -14.83 -19.52
N ASN A 119 15.31 -14.72 -20.84
CA ASN A 119 15.32 -15.86 -21.74
C ASN A 119 16.75 -16.18 -22.16
N LYS A 120 17.29 -17.28 -21.63
CA LYS A 120 18.69 -17.66 -21.86
C LYS A 120 19.00 -17.94 -23.31
N ASP A 121 17.99 -18.33 -24.09
CA ASP A 121 18.22 -18.62 -25.50
C ASP A 121 18.36 -17.35 -26.33
N LEU A 122 17.78 -16.24 -25.87
CA LEU A 122 17.86 -14.97 -26.59
C LEU A 122 18.97 -14.10 -26.03
N LEU A 123 19.19 -14.25 -24.74
CA LEU A 123 20.00 -13.32 -23.97
C LEU A 123 20.76 -14.09 -22.91
N PRO A 124 21.85 -14.76 -23.30
CA PRO A 124 22.55 -15.68 -22.40
C PRO A 124 23.23 -14.95 -21.26
N ASN A 125 23.59 -13.69 -21.48
CA ASN A 125 24.22 -12.89 -20.45
C ASN A 125 23.44 -11.61 -20.27
N PRO A 126 22.54 -11.62 -19.28
CA PRO A 126 21.63 -10.49 -19.07
C PRO A 126 22.38 -9.23 -18.65
N PRO A 127 21.85 -8.05 -19.01
CA PRO A 127 22.49 -6.76 -18.72
C PRO A 127 22.59 -6.48 -17.22
N LYS A 128 23.77 -6.05 -16.81
CA LYS A 128 24.01 -5.62 -15.44
C LYS A 128 23.45 -4.22 -15.18
N THR A 129 23.25 -3.44 -16.25
CA THR A 129 22.78 -2.07 -16.14
C THR A 129 21.54 -1.77 -16.97
N TRP A 130 20.72 -0.84 -16.48
CA TRP A 130 19.60 -0.34 -17.26
C TRP A 130 20.09 0.40 -18.50
N GLU A 131 21.23 1.07 -18.34
CA GLU A 131 21.76 1.94 -19.38
C GLU A 131 22.09 1.21 -20.67
N GLU A 132 22.38 -0.09 -20.57
CA GLU A 132 22.75 -0.82 -21.77
C GLU A 132 21.52 -1.41 -22.46
N ILE A 133 20.34 -1.23 -21.88
CA ILE A 133 19.15 -1.85 -22.46
C ILE A 133 18.70 -1.24 -23.81
N PRO A 134 18.81 0.09 -24.02
CA PRO A 134 18.48 0.59 -25.37
C PRO A 134 19.31 -0.06 -26.50
N ALA A 135 20.62 -0.17 -26.33
CA ALA A 135 21.45 -0.79 -27.37
C ALA A 135 21.09 -2.26 -27.56
N LEU A 136 20.81 -2.94 -26.46
CA LEU A 136 20.46 -4.35 -26.50
C LEU A 136 19.13 -4.52 -27.23
N ASP A 137 18.18 -3.62 -26.98
CA ASP A 137 16.91 -3.66 -27.69
C ASP A 137 17.14 -3.47 -29.20
N LYS A 138 18.02 -2.56 -29.59
CA LYS A 138 18.31 -2.38 -31.02
C LYS A 138 18.84 -3.68 -31.64
N GLU A 139 19.72 -4.37 -30.94
CA GLU A 139 20.29 -5.62 -31.46
C GLU A 139 19.20 -6.69 -31.58
N LEU A 140 18.34 -6.76 -30.58
CA LEU A 140 17.28 -7.77 -30.58
C LEU A 140 16.20 -7.45 -31.61
N LYS A 141 15.90 -6.17 -31.81
CA LYS A 141 14.87 -5.78 -32.78
C LYS A 141 15.25 -6.23 -34.19
N ALA A 142 16.54 -6.28 -34.47
CA ALA A 142 17.04 -6.74 -35.77
C ALA A 142 16.69 -8.20 -36.03
N LYS A 143 16.45 -8.93 -34.94
CA LYS A 143 16.09 -10.35 -34.97
C LYS A 143 14.60 -10.58 -34.72
N GLY A 144 13.81 -9.51 -34.73
CA GLY A 144 12.38 -9.65 -34.47
C GLY A 144 12.02 -9.87 -33.00
N LYS A 145 12.90 -9.42 -32.11
CA LYS A 145 12.69 -9.55 -30.66
C LYS A 145 12.79 -8.20 -29.96
N SER A 146 12.31 -8.13 -28.73
CA SER A 146 12.56 -6.93 -27.91
C SER A 146 13.38 -7.29 -26.69
N ALA A 147 14.04 -6.30 -26.08
CA ALA A 147 14.81 -6.55 -24.88
C ALA A 147 13.96 -6.81 -23.63
N LEU A 148 12.96 -5.96 -23.39
CA LEU A 148 12.30 -5.94 -22.08
C LEU A 148 10.83 -5.54 -22.16
N MET A 149 9.98 -6.34 -21.52
CA MET A 149 8.58 -5.98 -21.33
C MET A 149 8.13 -6.31 -19.92
N PHE A 150 7.55 -5.33 -19.24
CA PHE A 150 6.96 -5.58 -17.93
C PHE A 150 5.76 -4.66 -17.70
N ASN A 151 4.99 -4.97 -16.66
CA ASN A 151 3.77 -4.22 -16.37
C ASN A 151 4.03 -2.77 -16.02
N LEU A 152 3.61 -1.86 -16.91
CA LEU A 152 3.78 -0.43 -16.65
C LEU A 152 2.54 0.18 -16.02
N GLN A 153 1.53 -0.62 -15.71
CA GLN A 153 0.27 -0.11 -15.18
C GLN A 153 0.20 -0.16 -13.65
N GLU A 154 1.13 -0.87 -13.04
CA GLU A 154 1.24 -0.94 -11.57
C GLU A 154 2.62 -0.46 -11.12
N PRO A 155 2.67 0.52 -10.21
CA PRO A 155 3.95 1.16 -9.88
C PRO A 155 4.90 0.23 -9.14
N TYR A 156 4.39 -0.84 -8.57
CA TYR A 156 5.22 -1.89 -7.97
C TYR A 156 6.40 -2.27 -8.88
N PHE A 157 6.15 -2.34 -10.19
CA PHE A 157 7.14 -2.86 -11.12
C PHE A 157 8.16 -1.82 -11.56
N THR A 158 7.76 -0.54 -11.49
CA THR A 158 8.63 0.56 -11.89
CA THR A 158 8.66 0.54 -11.89
C THR A 158 9.39 1.13 -10.69
N TRP A 159 8.81 0.94 -9.49
CA TRP A 159 9.45 1.43 -8.26
C TRP A 159 10.94 1.09 -8.11
N PRO A 160 11.36 -0.15 -8.45
CA PRO A 160 12.79 -0.43 -8.23
C PRO A 160 13.72 0.52 -8.97
N LEU A 161 13.31 0.95 -10.17
CA LEU A 161 14.10 1.87 -10.97
C LEU A 161 14.02 3.31 -10.44
N ILE A 162 12.83 3.70 -9.97
CA ILE A 162 12.64 4.99 -9.30
C ILE A 162 13.50 5.12 -8.06
N ALA A 163 13.58 4.05 -7.30
CA ALA A 163 14.30 4.07 -6.03
C ALA A 163 15.82 3.94 -6.22
N ALA A 164 16.24 3.51 -7.41
CA ALA A 164 17.66 3.20 -7.63
C ALA A 164 18.62 4.34 -7.27
N ASP A 165 18.41 5.52 -7.87
CA ASP A 165 19.32 6.64 -7.69
C ASP A 165 18.82 7.61 -6.62
N GLY A 166 17.94 7.15 -5.76
CA GLY A 166 17.60 7.92 -4.56
C GLY A 166 16.16 8.26 -4.29
N GLY A 167 15.26 7.87 -5.19
CA GLY A 167 13.83 8.04 -4.91
C GLY A 167 13.46 7.21 -3.68
N TYR A 168 12.53 7.70 -2.88
CA TYR A 168 12.01 6.92 -1.74
C TYR A 168 10.57 7.35 -1.44
N ALA A 169 9.87 6.49 -0.72
CA ALA A 169 8.49 6.79 -0.34
C ALA A 169 8.48 7.63 0.92
N PHE A 170 8.65 6.95 2.05
CA PHE A 170 8.73 7.64 3.33
C PHE A 170 10.09 7.34 3.93
N LYS A 171 10.83 8.41 4.25
CA LYS A 171 12.22 8.31 4.69
C LYS A 171 12.45 7.27 5.79
N TYR A 172 13.37 6.35 5.53
CA TYR A 172 13.78 5.34 6.52
C TYR A 172 15.30 5.32 6.60
N GLU A 173 15.76 5.56 7.82
CA GLU A 173 17.17 5.50 8.19
C GLU A 173 17.23 4.93 9.61
N ASN A 174 17.66 3.68 9.76
CA ASN A 174 17.47 2.85 10.96
C ASN A 174 16.03 2.50 11.36
N LYS A 176 14.23 3.95 11.73
CA LYS A 176 13.53 5.10 12.22
C LYS A 176 12.90 5.67 10.96
N TYR A 177 11.60 5.82 10.95
CA TYR A 177 10.94 6.50 9.86
C TYR A 177 10.81 7.99 10.15
N ASP A 178 10.78 8.76 9.11
CA ASP A 178 10.27 10.14 9.15
C ASP A 178 9.19 10.25 8.09
N ILE A 179 7.95 10.05 8.50
CA ILE A 179 6.83 9.95 7.56
C ILE A 179 6.53 11.29 6.90
N LYS A 180 6.90 12.38 7.57
CA LYS A 180 6.77 13.71 6.98
C LYS A 180 7.70 13.91 5.78
N ASP A 181 8.75 13.10 5.70
CA ASP A 181 9.79 13.21 4.67
C ASP A 181 9.54 12.25 3.51
N VAL A 182 9.06 12.79 2.39
CA VAL A 182 8.66 12.00 1.24
C VAL A 182 9.58 12.30 0.06
N GLY A 183 10.05 11.25 -0.63
CA GLY A 183 11.09 11.38 -1.63
C GLY A 183 10.62 10.95 -3.01
N VAL A 184 9.35 11.20 -3.28
CA VAL A 184 8.74 10.79 -4.54
C VAL A 184 9.10 11.73 -5.70
N ASP A 185 9.35 12.99 -5.41
CA ASP A 185 9.74 13.89 -6.52
C ASP A 185 11.14 14.48 -6.39
N ASN A 186 12.07 13.72 -5.81
CA ASN A 186 13.45 14.20 -5.72
C ASN A 186 14.22 13.91 -7.01
N ALA A 187 15.48 14.32 -7.07
CA ALA A 187 16.26 14.16 -8.30
C ALA A 187 16.41 12.70 -8.70
N GLY A 188 16.55 11.82 -7.72
CA GLY A 188 16.73 10.40 -8.01
C GLY A 188 15.49 9.77 -8.62
N ALA A 189 14.33 10.11 -8.07
CA ALA A 189 13.07 9.61 -8.60
C ALA A 189 12.87 10.11 -10.02
N LYS A 190 13.13 11.40 -10.22
CA LYS A 190 13.01 12.01 -11.54
C LYS A 190 13.93 11.34 -12.56
N ALA A 191 15.15 11.06 -12.16
CA ALA A 191 16.10 10.39 -13.07
C ALA A 191 15.60 9.02 -13.49
N GLY A 192 15.13 8.23 -12.54
CA GLY A 192 14.63 6.89 -12.84
C GLY A 192 13.43 6.92 -13.75
N LEU A 193 12.44 7.76 -13.41
CA LEU A 193 11.21 7.80 -14.21
C LEU A 193 11.50 8.38 -15.60
N THR A 194 12.40 9.36 -15.68
CA THR A 194 12.78 9.92 -16.98
C THR A 194 13.44 8.83 -17.85
N PHE A 195 14.25 7.96 -17.24
CA PHE A 195 14.86 6.90 -18.04
C PHE A 195 13.78 5.98 -18.61
N LEU A 196 12.79 5.67 -17.79
CA LEU A 196 11.66 4.85 -18.22
C LEU A 196 10.91 5.52 -19.38
N VAL A 197 10.59 6.81 -19.22
CA VAL A 197 9.86 7.53 -20.27
C VAL A 197 10.70 7.60 -21.55
N ASP A 198 12.00 7.76 -21.40
CA ASP A 198 12.89 7.76 -22.57
C ASP A 198 12.90 6.42 -23.31
N LEU A 199 12.85 5.31 -22.57
CA LEU A 199 12.70 4.01 -23.20
C LEU A 199 11.46 3.95 -24.08
N ILE A 200 10.37 4.54 -23.61
CA ILE A 200 9.11 4.56 -24.35
C ILE A 200 9.21 5.48 -25.55
N LYS A 201 9.77 6.67 -25.36
CA LYS A 201 9.94 7.63 -26.45
C LYS A 201 10.75 7.02 -27.58
N ASN A 202 11.76 6.22 -27.23
CA ASN A 202 12.68 5.65 -28.23
C ASN A 202 12.24 4.26 -28.70
N LYS A 203 11.00 3.92 -28.39
CA LYS A 203 10.33 2.72 -28.90
C LYS A 203 10.98 1.43 -28.40
N HIS A 204 11.60 1.48 -27.22
CA HIS A 204 12.10 0.26 -26.61
C HIS A 204 11.05 -0.37 -25.70
N MET A 205 10.04 0.42 -25.32
CA MET A 205 8.89 -0.09 -24.57
C MET A 205 7.64 0.68 -24.99
N ASN A 206 6.48 0.14 -24.65
CA ASN A 206 5.18 0.71 -25.00
C ASN A 206 4.42 1.05 -23.72
N ALA A 207 3.92 2.29 -23.63
CA ALA A 207 3.23 2.74 -22.41
C ALA A 207 2.01 1.91 -22.04
N ASP A 208 1.43 1.20 -23.00
CA ASP A 208 0.21 0.43 -22.77
C ASP A 208 0.48 -0.98 -22.23
N THR A 209 1.75 -1.38 -22.17
CA THR A 209 2.08 -2.74 -21.72
C THR A 209 1.61 -2.96 -20.29
N ASP A 210 0.84 -4.03 -20.09
CA ASP A 210 0.34 -4.37 -18.77
C ASP A 210 0.80 -5.77 -18.38
N TYR A 211 0.24 -6.31 -17.29
CA TYR A 211 0.70 -7.60 -16.80
C TYR A 211 0.53 -8.70 -17.84
N SER A 212 -0.68 -8.80 -18.40
CA SER A 212 -0.99 -9.88 -19.34
CA SER A 212 -0.98 -9.89 -19.34
CA SER A 212 -1.00 -9.87 -19.35
C SER A 212 -0.16 -9.78 -20.62
N ILE A 213 0.01 -8.56 -21.13
CA ILE A 213 0.77 -8.38 -22.37
C ILE A 213 2.24 -8.76 -22.18
N ALA A 214 2.84 -8.31 -21.09
CA ALA A 214 4.24 -8.62 -20.84
C ALA A 214 4.43 -10.12 -20.58
N GLU A 215 3.51 -10.74 -19.84
CA GLU A 215 3.63 -12.15 -19.52
C GLU A 215 3.54 -12.98 -20.81
N ALA A 216 2.58 -12.64 -21.67
CA ALA A 216 2.41 -13.37 -22.92
C ALA A 216 3.64 -13.21 -23.81
N ALA A 217 4.18 -12.00 -23.90
CA ALA A 217 5.33 -11.78 -24.77
C ALA A 217 6.54 -12.57 -24.27
N PHE A 218 6.76 -12.58 -22.96
CA PHE A 218 7.90 -13.35 -22.48
C PHE A 218 7.68 -14.83 -22.69
N ASN A 219 6.47 -15.31 -22.39
CA ASN A 219 6.25 -16.76 -22.43
C ASN A 219 6.14 -17.28 -23.86
N LYS A 220 5.94 -16.38 -24.83
CA LYS A 220 5.93 -16.74 -26.26
C LYS A 220 7.32 -16.57 -26.89
N GLY A 221 8.28 -16.10 -26.10
CA GLY A 221 9.65 -15.94 -26.59
C GLY A 221 9.87 -14.72 -27.46
N GLU A 222 9.01 -13.71 -27.30
CA GLU A 222 9.07 -12.48 -28.09
C GLU A 222 9.94 -11.40 -27.47
N THR A 223 10.03 -11.39 -26.15
CA THR A 223 10.87 -10.43 -25.44
C THR A 223 11.89 -11.18 -24.60
N ALA A 224 13.10 -10.64 -24.51
CA ALA A 224 14.20 -11.34 -23.84
C ALA A 224 14.14 -11.26 -22.32
N MET A 225 13.46 -10.25 -21.80
CA MET A 225 13.41 -10.01 -20.36
C MET A 225 12.05 -9.56 -19.89
N THR A 226 11.74 -9.91 -18.65
CA THR A 226 10.60 -9.30 -17.97
C THR A 226 10.95 -9.08 -16.50
N ILE A 227 10.11 -8.35 -15.78
CA ILE A 227 10.33 -8.12 -14.34
C ILE A 227 9.09 -8.63 -13.66
N ASN A 228 9.26 -9.58 -12.74
CA ASN A 228 8.10 -10.18 -12.10
C ASN A 228 8.53 -10.91 -10.85
N GLY A 229 7.55 -11.39 -10.10
CA GLY A 229 7.80 -12.10 -8.87
C GLY A 229 7.65 -13.61 -9.01
N PRO A 230 7.81 -14.32 -7.90
CA PRO A 230 7.85 -15.78 -7.98
C PRO A 230 6.56 -16.43 -8.47
N TRP A 231 5.42 -15.76 -8.27
CA TRP A 231 4.14 -16.32 -8.70
C TRP A 231 4.10 -16.55 -10.22
N ALA A 232 4.97 -15.85 -10.94
CA ALA A 232 4.98 -15.92 -12.39
C ALA A 232 5.74 -17.15 -12.93
N TRP A 233 6.51 -17.83 -12.09
CA TRP A 233 7.41 -18.88 -12.61
C TRP A 233 6.64 -20.09 -13.16
N SER A 234 5.51 -20.42 -12.56
CA SER A 234 4.71 -21.57 -13.00
C SER A 234 4.34 -21.49 -14.46
N ASN A 235 3.83 -20.33 -14.88
CA ASN A 235 3.41 -20.18 -16.26
C ASN A 235 4.61 -20.20 -17.21
N ILE A 236 5.76 -19.70 -16.76
CA ILE A 236 6.96 -19.79 -17.60
C ILE A 236 7.42 -21.25 -17.75
N ASP A 237 7.37 -22.01 -16.67
CA ASP A 237 7.63 -23.46 -16.73
C ASP A 237 6.79 -24.12 -17.81
N THR A 238 5.50 -23.84 -17.78
CA THR A 238 4.56 -24.42 -18.74
C THR A 238 4.90 -24.03 -20.18
N SER A 239 5.36 -22.79 -20.38
CA SER A 239 5.68 -22.29 -21.71
C SER A 239 6.93 -22.92 -22.32
N LYS A 240 7.74 -23.55 -21.46
CA LYS A 240 8.98 -24.23 -21.84
C LYS A 240 10.10 -23.28 -22.26
N VAL A 241 9.96 -22.00 -21.96
CA VAL A 241 11.04 -21.06 -22.20
C VAL A 241 12.22 -21.40 -21.28
N ASN A 242 13.42 -21.33 -21.82
CA ASN A 242 14.64 -21.56 -21.06
C ASN A 242 14.99 -20.29 -20.30
N TYR A 243 14.49 -20.15 -19.06
CA TYR A 243 14.63 -18.88 -18.35
C TYR A 243 15.57 -18.93 -17.17
N GLY A 244 16.04 -17.74 -16.80
CA GLY A 244 16.84 -17.54 -15.61
C GLY A 244 16.22 -16.43 -14.78
N VAL A 245 16.57 -16.42 -13.51
CA VAL A 245 16.08 -15.42 -12.56
C VAL A 245 17.30 -14.79 -11.91
N THR A 246 17.44 -13.47 -12.01
CA THR A 246 18.68 -12.84 -11.59
C THR A 246 18.45 -11.45 -10.98
N VAL A 247 19.56 -10.84 -10.58
CA VAL A 247 19.54 -9.52 -9.97
C VAL A 247 19.06 -8.47 -10.98
N LEU A 248 18.24 -7.54 -10.50
CA LEU A 248 17.76 -6.45 -11.33
C LEU A 248 18.94 -5.60 -11.79
N PRO A 249 18.84 -4.97 -12.97
CA PRO A 249 19.94 -4.10 -13.43
C PRO A 249 20.16 -2.90 -12.51
N THR A 250 21.38 -2.38 -12.48
CA THR A 250 21.68 -1.16 -11.76
C THR A 250 21.29 0.05 -12.60
N PHE A 251 21.11 1.19 -11.93
CA PHE A 251 20.89 2.45 -12.61
C PHE A 251 21.80 3.50 -11.99
N LYS A 252 22.58 4.17 -12.83
CA LYS A 252 23.60 5.13 -12.39
C LYS A 252 24.51 4.46 -11.36
N GLY A 253 24.79 3.18 -11.59
CA GLY A 253 25.70 2.41 -10.76
C GLY A 253 25.11 1.90 -9.46
N GLN A 254 23.84 2.19 -9.23
CA GLN A 254 23.15 1.84 -7.97
C GLN A 254 22.16 0.70 -8.19
N PRO A 255 22.04 -0.22 -7.21
CA PRO A 255 21.08 -1.31 -7.35
C PRO A 255 19.65 -0.80 -7.51
N SER A 256 18.85 -1.50 -8.32
CA SER A 256 17.43 -1.28 -8.31
C SER A 256 16.92 -1.79 -6.97
N LYS A 257 15.94 -1.11 -6.41
CA LYS A 257 15.56 -1.39 -5.03
C LYS A 257 14.08 -1.72 -4.95
N PRO A 258 13.75 -3.02 -5.07
CA PRO A 258 12.33 -3.37 -5.05
C PRO A 258 11.70 -3.13 -3.68
N PHE A 259 10.45 -2.70 -3.66
CA PHE A 259 9.68 -2.69 -2.42
C PHE A 259 9.30 -4.15 -2.17
N VAL A 260 9.69 -4.65 -1.00
CA VAL A 260 9.53 -6.06 -0.65
C VAL A 260 8.21 -6.27 0.11
N GLY A 261 7.42 -7.22 -0.37
CA GLY A 261 6.15 -7.52 0.27
C GLY A 261 6.18 -8.84 1.00
N VAL A 262 5.44 -8.90 2.10
CA VAL A 262 5.22 -10.17 2.78
C VAL A 262 3.76 -10.55 2.57
N LEU A 263 3.51 -11.55 1.72
CA LEU A 263 2.15 -12.06 1.56
C LEU A 263 1.65 -12.50 2.93
N SER A 264 0.49 -12.00 3.33
CA SER A 264 0.00 -12.17 4.70
C SER A 264 -1.48 -12.50 4.71
N ALA A 265 -1.94 -13.14 5.78
CA ALA A 265 -3.35 -13.53 5.92
C ALA A 265 -3.93 -12.89 7.17
N GLY A 266 -4.91 -12.02 6.96
CA GLY A 266 -5.59 -11.34 8.05
C GLY A 266 -6.96 -11.96 8.31
N ILE A 267 -7.46 -11.78 9.52
CA ILE A 267 -8.77 -12.27 9.93
C ILE A 267 -9.71 -11.08 10.08
N ASN A 268 -10.84 -11.12 9.37
CA ASN A 268 -11.85 -10.06 9.42
C ASN A 268 -12.34 -9.82 10.85
N ALA A 269 -12.28 -8.56 11.30
CA ALA A 269 -12.75 -8.21 12.65
C ALA A 269 -14.20 -8.61 12.87
N ALA A 270 -14.97 -8.67 11.78
CA ALA A 270 -16.40 -9.01 11.86
C ALA A 270 -16.68 -10.50 11.74
N SER A 271 -15.63 -11.31 11.60
CA SER A 271 -15.82 -12.76 11.49
C SER A 271 -16.26 -13.39 12.80
N PRO A 272 -17.30 -14.24 12.76
CA PRO A 272 -17.67 -15.03 13.93
C PRO A 272 -16.87 -16.32 13.99
N ASN A 273 -15.93 -16.48 13.06
CA ASN A 273 -15.16 -17.71 12.89
C ASN A 273 -13.67 -17.51 13.11
N LYS A 274 -13.32 -16.63 14.03
CA LYS A 274 -11.92 -16.30 14.22
C LYS A 274 -11.08 -17.50 14.70
N GLU A 275 -11.64 -18.36 15.55
CA GLU A 275 -10.92 -19.53 16.02
C GLU A 275 -10.76 -20.58 14.91
N LEU A 276 -11.79 -20.72 14.06
CA LEU A 276 -11.69 -21.59 12.88
C LEU A 276 -10.59 -21.10 11.94
N ALA A 277 -10.55 -19.78 11.75
CA ALA A 277 -9.55 -19.18 10.87
C ALA A 277 -8.14 -19.41 11.40
N LYS A 278 -7.97 -19.23 12.71
CA LYS A 278 -6.70 -19.49 13.35
C LYS A 278 -6.26 -20.94 13.14
N GLU A 279 -7.19 -21.87 13.35
CA GLU A 279 -6.87 -23.28 13.18
C GLU A 279 -6.45 -23.57 11.74
N PHE A 280 -7.20 -23.02 10.79
CA PHE A 280 -6.84 -23.22 9.39
C PHE A 280 -5.45 -22.67 9.07
N LEU A 281 -5.18 -21.43 9.48
CA LEU A 281 -3.93 -20.81 9.13
C LEU A 281 -2.73 -21.46 9.83
N GLU A 282 -2.86 -21.74 11.13
CA GLU A 282 -1.72 -22.29 11.86
C GLU A 282 -1.49 -23.78 11.63
N ASN A 283 -2.56 -24.54 11.46
CA ASN A 283 -2.42 -25.99 11.46
C ASN A 283 -2.60 -26.65 10.10
N TYR A 284 -3.04 -25.87 9.11
CA TYR A 284 -3.19 -26.39 7.76
C TYR A 284 -2.30 -25.64 6.77
N LEU A 285 -2.42 -24.31 6.71
CA LEU A 285 -1.66 -23.58 5.71
C LEU A 285 -0.18 -23.43 6.08
N LEU A 286 0.11 -22.94 7.28
CA LEU A 286 1.51 -22.68 7.67
C LEU A 286 2.17 -23.94 8.21
N THR A 287 2.19 -24.94 7.32
CA THR A 287 2.84 -26.23 7.55
C THR A 287 3.62 -26.55 6.28
N ASP A 288 4.56 -27.50 6.36
CA ASP A 288 5.30 -27.87 5.16
C ASP A 288 4.34 -28.32 4.05
N GLU A 289 3.33 -29.09 4.41
CA GLU A 289 2.47 -29.67 3.39
C GLU A 289 1.50 -28.62 2.83
N GLY A 290 1.05 -27.71 3.67
CA GLY A 290 0.14 -26.66 3.23
C GLY A 290 0.83 -25.70 2.28
N LEU A 291 2.02 -25.24 2.67
CA LEU A 291 2.75 -24.32 1.83
C LEU A 291 3.19 -24.99 0.53
N GLU A 292 3.52 -26.28 0.59
CA GLU A 292 3.89 -26.97 -0.64
C GLU A 292 2.72 -27.02 -1.63
N ALA A 293 1.51 -27.23 -1.11
CA ALA A 293 0.32 -27.30 -1.97
C ALA A 293 0.12 -25.98 -2.71
N VAL A 294 0.30 -24.86 -2.01
CA VAL A 294 0.16 -23.57 -2.65
C VAL A 294 1.33 -23.30 -3.59
N ASN A 295 2.54 -23.57 -3.11
CA ASN A 295 3.77 -23.33 -3.87
C ASN A 295 3.82 -24.09 -5.20
N LYS A 296 3.27 -25.31 -5.20
CA LYS A 296 3.26 -26.14 -6.40
C LYS A 296 2.31 -25.57 -7.45
N ASP A 297 1.35 -24.78 -7.01
CA ASP A 297 0.40 -24.11 -7.90
C ASP A 297 1.08 -22.86 -8.49
N LYS A 298 1.37 -21.87 -7.64
CA LYS A 298 2.17 -20.71 -8.04
C LYS A 298 3.18 -20.45 -6.94
N PRO A 299 4.48 -20.34 -7.28
CA PRO A 299 5.47 -20.23 -6.20
C PRO A 299 5.25 -19.01 -5.31
N LEU A 300 5.44 -19.22 -4.01
CA LEU A 300 5.23 -18.20 -2.99
C LEU A 300 6.39 -17.21 -2.83
N GLY A 301 7.59 -17.62 -3.20
CA GLY A 301 8.78 -16.89 -2.82
C GLY A 301 9.46 -17.53 -1.63
N ALA A 302 10.12 -16.72 -0.80
CA ALA A 302 10.82 -17.23 0.39
C ALA A 302 9.85 -17.28 1.55
N VAL A 303 9.41 -18.49 1.91
CA VAL A 303 8.30 -18.60 2.85
C VAL A 303 8.73 -18.24 4.28
N ALA A 304 7.75 -17.84 5.07
CA ALA A 304 7.99 -17.39 6.45
C ALA A 304 8.25 -18.57 7.39
N LEU A 305 7.78 -19.75 7.01
CA LEU A 305 7.94 -20.95 7.82
C LEU A 305 9.35 -21.50 7.68
N LYS A 306 10.11 -21.45 8.76
CA LYS A 306 11.53 -21.85 8.76
C LYS A 306 11.79 -23.25 8.20
N SER A 307 10.98 -24.21 8.63
CA SER A 307 11.21 -25.60 8.22
C SER A 307 11.13 -25.77 6.71
N TYR A 308 10.16 -25.13 6.07
CA TYR A 308 9.99 -25.30 4.63
C TYR A 308 10.95 -24.40 3.84
N GLU A 309 11.25 -23.22 4.39
CA GLU A 309 12.16 -22.32 3.70
C GLU A 309 13.55 -22.93 3.59
N GLU A 310 13.92 -23.75 4.55
CA GLU A 310 15.20 -24.45 4.50
C GLU A 310 15.33 -25.27 3.20
N GLU A 311 14.21 -25.80 2.72
CA GLU A 311 14.19 -26.53 1.46
C GLU A 311 14.18 -25.60 0.24
N LEU A 312 13.32 -24.59 0.30
CA LEU A 312 13.15 -23.68 -0.84
C LEU A 312 14.39 -22.85 -1.09
N ALA A 313 15.16 -22.59 -0.04
CA ALA A 313 16.34 -21.73 -0.14
C ALA A 313 17.42 -22.31 -1.07
N LYS A 314 17.35 -23.61 -1.32
CA LYS A 314 18.31 -24.28 -2.18
C LYS A 314 18.07 -23.97 -3.66
N ASP A 315 16.92 -23.37 -3.96
CA ASP A 315 16.53 -23.03 -5.33
C ASP A 315 17.23 -21.75 -5.75
N PRO A 316 18.01 -21.77 -6.85
CA PRO A 316 18.67 -20.54 -7.30
C PRO A 316 17.71 -19.39 -7.59
N ARG A 317 16.47 -19.71 -7.94
CA ARG A 317 15.46 -18.69 -8.22
C ARG A 317 15.08 -17.96 -6.93
N ILE A 318 15.04 -18.71 -5.84
CA ILE A 318 14.78 -18.15 -4.51
C ILE A 318 16.00 -17.35 -4.02
N ALA A 319 17.20 -17.87 -4.26
CA ALA A 319 18.41 -17.12 -3.91
C ALA A 319 18.41 -15.75 -4.60
N ALA A 320 18.07 -15.74 -5.89
CA ALA A 320 17.98 -14.49 -6.65
C ALA A 320 16.89 -13.58 -6.08
N THR A 321 15.74 -14.16 -5.71
CA THR A 321 14.66 -13.41 -5.09
C THR A 321 15.15 -12.69 -3.82
N MET A 322 15.90 -13.40 -3.00
CA MET A 322 16.36 -12.80 -1.76
CA MET A 322 16.40 -12.83 -1.75
C MET A 322 17.53 -11.84 -1.98
N GLU A 323 18.30 -12.03 -3.04
CA GLU A 323 19.34 -11.06 -3.37
C GLU A 323 18.73 -9.72 -3.73
N ASN A 324 17.68 -9.76 -4.54
CA ASN A 324 16.96 -8.54 -4.87
C ASN A 324 16.27 -7.95 -3.66
N ALA A 325 15.69 -8.81 -2.84
CA ALA A 325 15.02 -8.36 -1.61
C ALA A 325 15.99 -7.59 -0.71
N GLN A 326 17.21 -8.11 -0.59
CA GLN A 326 18.19 -7.49 0.29
C GLN A 326 18.68 -6.13 -0.22
N LYS A 327 18.56 -5.89 -1.53
CA LYS A 327 18.90 -4.59 -2.10
C LYS A 327 17.75 -3.59 -2.00
N GLY A 328 16.56 -4.10 -1.69
CA GLY A 328 15.39 -3.26 -1.55
C GLY A 328 15.02 -3.01 -0.10
N GLU A 329 13.73 -2.81 0.15
CA GLU A 329 13.26 -2.45 1.47
C GLU A 329 11.88 -3.04 1.72
N ILE A 330 11.67 -3.61 2.91
CA ILE A 330 10.34 -4.08 3.31
C ILE A 330 9.39 -2.88 3.32
N MET A 331 8.25 -3.01 2.65
CA MET A 331 7.29 -1.91 2.62
C MET A 331 6.81 -1.48 4.00
N PRO A 332 6.56 -0.18 4.18
CA PRO A 332 5.84 0.24 5.38
C PRO A 332 4.42 -0.29 5.37
N ASN A 333 3.76 -0.23 6.53
CA ASN A 333 2.33 -0.54 6.59
C ASN A 333 1.56 0.62 7.21
N ILE A 334 2.10 1.83 7.09
CA ILE A 334 1.39 3.01 7.55
C ILE A 334 0.04 3.07 6.80
N PRO A 335 -0.97 3.71 7.41
CA PRO A 335 -2.32 3.60 6.83
C PRO A 335 -2.47 4.31 5.49
N GLN A 336 -1.58 5.24 5.16
CA GLN A 336 -1.70 5.91 3.86
C GLN A 336 -0.88 5.26 2.75
N MET A 337 -0.46 4.01 2.96
CA MET A 337 0.23 3.31 1.87
C MET A 337 -0.62 3.25 0.60
N SER A 338 -1.92 2.98 0.73
CA SER A 338 -2.82 2.92 -0.43
CA SER A 338 -2.76 2.89 -0.48
C SER A 338 -2.78 4.22 -1.23
N ALA A 339 -2.77 5.34 -0.51
CA ALA A 339 -2.74 6.65 -1.15
C ALA A 339 -1.40 6.91 -1.83
N PHE A 340 -0.30 6.51 -1.19
CA PHE A 340 1.02 6.53 -1.82
C PHE A 340 1.00 5.76 -3.13
N TRP A 341 0.48 4.54 -3.10
CA TRP A 341 0.52 3.72 -4.31
C TRP A 341 -0.35 4.32 -5.41
N TYR A 342 -1.50 4.86 -5.05
CA TYR A 342 -2.40 5.45 -6.05
C TYR A 342 -1.70 6.65 -6.68
N ALA A 343 -1.02 7.43 -5.85
CA ALA A 343 -0.34 8.63 -6.31
C ALA A 343 0.77 8.28 -7.30
N VAL A 344 1.59 7.29 -6.97
CA VAL A 344 2.69 6.92 -7.85
CA VAL A 344 2.69 6.95 -7.86
C VAL A 344 2.18 6.20 -9.10
N ARG A 345 1.11 5.41 -8.96
N ARG A 345 1.11 5.41 -8.96
CA ARG A 345 0.47 4.76 -10.10
CA ARG A 345 0.51 4.77 -10.13
C ARG A 345 0.07 5.76 -11.16
C ARG A 345 0.12 5.80 -11.17
N THR A 346 -0.57 6.85 -10.72
CA THR A 346 -1.01 7.90 -11.60
C THR A 346 0.17 8.64 -12.25
N ALA A 347 1.20 8.89 -11.46
CA ALA A 347 2.40 9.57 -11.97
C ALA A 347 3.08 8.77 -13.07
N VAL A 348 3.28 7.48 -12.84
CA VAL A 348 3.94 6.65 -13.84
C VAL A 348 3.13 6.58 -15.14
N ILE A 349 1.82 6.34 -15.02
CA ILE A 349 0.97 6.25 -16.18
C ILE A 349 0.91 7.58 -16.93
N ASN A 350 0.82 8.69 -16.20
CA ASN A 350 0.74 10.00 -16.85
C ASN A 350 2.06 10.39 -17.50
N ALA A 351 3.17 10.03 -16.86
CA ALA A 351 4.47 10.33 -17.45
C ALA A 351 4.69 9.47 -18.68
N ALA A 352 4.34 8.19 -18.60
CA ALA A 352 4.56 7.25 -19.69
C ALA A 352 3.72 7.59 -20.93
N SER A 353 2.51 8.11 -20.70
CA SER A 353 1.60 8.43 -21.80
C SER A 353 1.83 9.83 -22.35
N GLY A 354 2.57 10.65 -21.62
CA GLY A 354 2.80 12.03 -22.00
C GLY A 354 1.72 12.98 -21.50
N ARG A 355 0.79 12.48 -20.70
CA ARG A 355 -0.27 13.33 -20.15
C ARG A 355 0.31 14.38 -19.21
N GLN A 356 1.39 14.02 -18.51
CA GLN A 356 2.15 14.97 -17.70
C GLN A 356 3.63 14.83 -18.00
N THR A 357 4.40 15.90 -17.78
CA THR A 357 5.85 15.73 -17.76
C THR A 357 6.23 14.94 -16.52
N VAL A 358 7.40 14.33 -16.54
CA VAL A 358 7.91 13.59 -15.38
C VAL A 358 7.90 14.46 -14.13
N ASP A 359 8.43 15.68 -14.25
CA ASP A 359 8.48 16.62 -13.12
C ASP A 359 7.10 16.91 -12.51
N GLU A 360 6.12 17.21 -13.35
CA GLU A 360 4.80 17.58 -12.83
C GLU A 360 4.03 16.35 -12.31
N ALA A 361 4.25 15.21 -12.97
CA ALA A 361 3.68 13.92 -12.51
C ALA A 361 4.18 13.59 -11.10
N LEU A 362 5.48 13.67 -10.89
CA LEU A 362 6.03 13.31 -9.58
C LEU A 362 5.71 14.36 -8.51
N LYS A 363 5.62 15.64 -8.88
CA LYS A 363 5.16 16.67 -7.94
C LYS A 363 3.76 16.31 -7.40
N ASP A 364 2.87 15.90 -8.29
CA ASP A 364 1.53 15.49 -7.86
C ASP A 364 1.57 14.26 -6.94
N ALA A 365 2.42 13.30 -7.28
CA ALA A 365 2.53 12.08 -6.48
C ALA A 365 3.11 12.39 -5.11
N GLN A 366 4.04 13.34 -5.06
CA GLN A 366 4.60 13.81 -3.80
C GLN A 366 3.48 14.39 -2.92
N THR A 367 2.70 15.28 -3.49
CA THR A 367 1.62 15.92 -2.75
C THR A 367 0.60 14.89 -2.26
N GLY A 368 0.22 13.98 -3.14
CA GLY A 368 -0.72 12.92 -2.77
C GLY A 368 -0.19 12.04 -1.65
N SER A 369 1.10 11.73 -1.70
CA SER A 369 1.71 10.88 -0.68
C SER A 369 1.82 11.56 0.67
N GLU A 370 2.05 12.87 0.64
CA GLU A 370 2.22 13.70 1.84
CA GLU A 370 2.21 13.69 1.85
C GLU A 370 0.92 14.06 2.53
N LEU A 371 -0.18 13.95 1.80
CA LEU A 371 -1.43 14.59 2.19
CA LEU A 371 -1.43 14.59 2.21
C LEU A 371 -1.87 14.20 3.60
N TYR A 372 -1.85 12.91 3.91
CA TYR A 372 -2.37 12.48 5.20
C TYR A 372 -1.54 13.04 6.36
N ARG A 373 -0.23 12.82 6.32
CA ARG A 373 0.60 13.19 7.46
C ARG A 373 0.65 14.70 7.63
N GLN A 374 0.69 15.43 6.53
CA GLN A 374 0.75 16.88 6.62
C GLN A 374 -0.57 17.45 7.12
N SER A 375 -1.68 16.92 6.59
CA SER A 375 -2.99 17.39 7.03
C SER A 375 -3.18 17.11 8.51
N LEU A 376 -2.75 15.92 8.94
CA LEU A 376 -2.90 15.53 10.34
C LEU A 376 -2.10 16.45 11.25
N GLU A 377 -0.91 16.86 10.83
CA GLU A 377 -0.11 17.75 11.65
C GLU A 377 -0.81 19.09 11.82
N ILE A 378 -1.33 19.64 10.74
CA ILE A 378 -2.02 20.93 10.77
C ILE A 378 -3.30 20.85 11.61
N ILE A 379 -4.10 19.83 11.33
CA ILE A 379 -5.40 19.69 11.98
C ILE A 379 -5.24 19.35 13.45
N SER A 380 -4.33 18.44 13.78
CA SER A 380 -4.11 18.10 15.19
CA SER A 380 -4.11 18.10 15.19
C SER A 380 -3.61 19.31 15.96
N ARG A 381 -2.67 20.05 15.38
CA ARG A 381 -2.14 21.21 16.09
C ARG A 381 -3.23 22.23 16.32
N TYR A 382 -4.06 22.47 15.31
CA TYR A 382 -5.12 23.46 15.45
C TYR A 382 -6.14 23.05 16.51
N LEU A 383 -6.59 21.80 16.46
CA LEU A 383 -7.59 21.34 17.43
C LEU A 383 -7.04 21.41 18.86
N ARG A 384 -5.77 21.05 19.04
CA ARG A 384 -5.17 21.06 20.37
C ARG A 384 -5.00 22.48 20.92
N GLU A 385 -4.50 23.39 20.09
CA GLU A 385 -4.26 24.76 20.56
C GLU A 385 -5.60 25.48 20.76
N GLN A 386 -6.62 25.09 20.00
CA GLN A 386 -7.94 25.65 20.22
C GLN A 386 -8.52 25.16 21.54
N ALA A 387 -8.29 23.88 21.86
CA ALA A 387 -8.80 23.33 23.11
C ALA A 387 -8.12 23.93 24.33
N THR A 388 -6.81 24.11 24.27
CA THR A 388 -6.04 24.53 25.45
C THR A 388 -5.77 26.03 25.52
N GLY A 389 -5.83 26.69 24.37
CA GLY A 389 -5.51 28.10 24.29
C GLY A 389 -4.04 28.37 23.98
N ALA A 390 -3.21 27.34 24.08
CA ALA A 390 -1.77 27.51 23.90
C ALA A 390 -1.27 26.75 22.69
N ALA A 391 -0.40 27.37 21.90
CA ALA A 391 0.15 26.73 20.72
C ALA A 391 1.24 25.73 21.10
N ASP A 392 1.42 24.76 20.22
CA ASP A 392 2.47 23.77 20.32
C ASP A 392 3.80 24.40 19.92
N THR A 393 4.77 24.37 20.83
CA THR A 393 6.06 25.00 20.61
C THR A 393 7.05 24.13 19.82
N ALA A 394 6.68 22.88 19.53
CA ALA A 394 7.59 21.98 18.81
C ALA A 394 7.76 22.38 17.34
N PRO A 395 8.97 22.23 16.80
CA PRO A 395 9.23 22.45 15.37
C PRO A 395 8.32 21.64 14.45
N MET A 396 7.91 22.20 13.31
CA MET A 396 7.04 21.50 12.36
C MET A 396 7.67 20.32 11.64
N GLY A 397 8.99 20.37 11.42
CA GLY A 397 9.68 19.31 10.71
C GLY A 397 9.66 19.47 9.20
N ALA A 398 9.70 18.35 8.49
CA ALA A 398 9.74 18.36 7.02
C ALA A 398 8.52 19.07 6.42
N SER A 399 8.75 19.77 5.31
CA SER A 399 7.74 20.66 4.72
C SER A 399 7.17 21.61 5.77
N GLY A 400 8.05 22.07 6.67
CA GLY A 400 7.65 22.88 7.81
C GLY A 400 7.07 24.23 7.47
N ALA A 401 7.58 24.84 6.40
CA ALA A 401 7.09 26.15 5.97
C ALA A 401 5.62 26.05 5.55
N THR A 402 5.31 25.01 4.77
CA THR A 402 3.94 24.78 4.32
C THR A 402 3.03 24.55 5.52
N SER A 403 3.44 23.65 6.42
CA SER A 403 2.61 23.29 7.56
C SER A 403 2.38 24.52 8.44
N ARG A 404 3.45 25.27 8.67
CA ARG A 404 3.41 26.48 9.48
C ARG A 404 2.50 27.56 8.88
N LYS A 405 2.69 27.87 7.59
CA LYS A 405 1.84 28.86 6.94
C LYS A 405 0.39 28.41 6.82
N ALA A 406 0.15 27.11 6.60
CA ALA A 406 -1.22 26.60 6.60
C ALA A 406 -1.88 26.80 7.95
N LEU A 407 -1.16 26.51 9.03
CA LEU A 407 -1.73 26.70 10.36
C LEU A 407 -2.01 28.17 10.62
N GLU A 408 -1.10 29.05 10.22
CA GLU A 408 -1.30 30.49 10.35
C GLU A 408 -2.56 30.94 9.60
N THR A 409 -2.73 30.44 8.38
CA THR A 409 -3.89 30.78 7.56
C THR A 409 -5.17 30.22 8.17
N LEU A 410 -5.10 28.98 8.66
CA LEU A 410 -6.24 28.35 9.31
C LEU A 410 -6.70 29.12 10.56
N ARG A 411 -5.74 29.57 11.36
CA ARG A 411 -6.05 30.40 12.52
C ARG A 411 -6.84 31.64 12.12
N ARG A 412 -6.34 32.34 11.11
CA ARG A 412 -6.95 33.58 10.67
C ARG A 412 -8.34 33.37 10.09
N VAL A 413 -8.45 32.46 9.13
CA VAL A 413 -9.75 32.23 8.49
C VAL A 413 -10.71 31.52 9.45
N GLY A 414 -10.21 30.52 10.18
CA GLY A 414 -11.02 29.79 11.14
C GLY A 414 -11.61 30.66 12.25
N ASP A 415 -10.93 31.73 12.63
CA ASP A 415 -11.47 32.61 13.67
C ASP A 415 -12.81 33.21 13.22
N GLY A 416 -12.85 33.71 11.99
CA GLY A 416 -14.09 34.24 11.44
C GLY A 416 -15.16 33.18 11.28
N VAL A 417 -14.76 32.00 10.80
CA VAL A 417 -15.73 30.94 10.57
C VAL A 417 -16.35 30.50 11.90
N GLN A 418 -15.54 30.33 12.93
CA GLN A 418 -16.08 29.93 14.22
C GLN A 418 -16.97 31.01 14.82
N ARG A 419 -16.60 32.28 14.64
CA ARG A 419 -17.42 33.38 15.16
C ARG A 419 -18.78 33.38 14.48
N ASN A 420 -18.79 33.34 13.15
CA ASN A 420 -20.04 33.39 12.40
C ASN A 420 -20.88 32.13 12.55
N HIS A 421 -20.22 30.98 12.74
CA HIS A 421 -20.95 29.72 12.89
C HIS A 421 -21.19 29.28 14.33
N GLU A 422 -20.96 30.14 15.31
CA GLU A 422 -21.04 29.69 16.70
C GLU A 422 -22.39 29.07 17.01
N THR A 423 -23.47 29.74 16.62
CA THR A 423 -24.81 29.25 16.91
C THR A 423 -25.07 27.91 16.17
N ALA A 424 -24.66 27.84 14.92
CA ALA A 424 -24.82 26.61 14.15
C ALA A 424 -24.02 25.47 14.78
N PHE A 425 -22.78 25.76 15.19
CA PHE A 425 -21.91 24.76 15.82
C PHE A 425 -22.49 24.29 17.17
N GLN A 426 -22.99 25.22 17.98
CA GLN A 426 -23.61 24.86 19.25
C GLN A 426 -24.76 23.90 19.02
N GLY A 427 -25.57 24.20 18.01
CA GLY A 427 -26.73 23.38 17.69
C GLY A 427 -26.35 21.98 17.26
N MET A 428 -25.35 21.89 16.39
CA MET A 428 -24.89 20.61 15.86
C MET A 428 -24.25 19.77 16.97
N LEU A 429 -23.47 20.42 17.82
CA LEU A 429 -22.86 19.74 18.95
C LEU A 429 -23.91 19.14 19.88
N ARG A 430 -24.95 19.91 20.19
CA ARG A 430 -26.01 19.44 21.07
C ARG A 430 -26.74 18.26 20.45
N LYS A 431 -26.92 18.31 19.13
CA LYS A 431 -27.62 17.25 18.41
C LYS A 431 -26.81 15.96 18.34
N LEU A 432 -25.48 16.10 18.25
CA LEU A 432 -24.61 14.93 18.12
C LEU A 432 -24.34 14.25 19.46
N ASP A 433 -24.40 15.03 20.54
CA ASP A 433 -24.16 14.52 21.90
C ASP A 433 -22.89 13.68 21.97
N ILE A 434 -21.75 14.33 21.78
CA ILE A 434 -20.44 13.65 21.82
C ILE A 434 -19.91 13.63 23.24
N LYS A 435 -19.86 12.44 23.84
CA LYS A 435 -19.53 12.32 25.25
C LYS A 435 -18.17 11.65 25.49
N ASN A 436 -17.73 10.83 24.55
CA ASN A 436 -16.55 10.00 24.78
C ASN A 436 -15.90 9.48 23.51
N GLU A 437 -14.93 8.58 23.66
CA GLU A 437 -14.14 8.13 22.52
C GLU A 437 -14.97 7.27 21.56
N ASP A 438 -15.94 6.53 22.10
CA ASP A 438 -16.79 5.72 21.24
C ASP A 438 -17.74 6.61 20.43
N ASP A 439 -18.16 7.73 21.00
CA ASP A 439 -18.96 8.70 20.25
C ASP A 439 -18.16 9.31 19.11
N VAL A 440 -16.90 9.63 19.38
CA VAL A 440 -16.02 10.23 18.37
C VAL A 440 -15.81 9.28 17.19
N LYS A 441 -15.73 7.98 17.48
CA LYS A 441 -15.52 6.97 16.46
C LYS A 441 -16.69 6.88 15.47
N SER A 442 -17.88 7.31 15.91
CA SER A 442 -19.07 7.26 15.07
C SER A 442 -19.23 8.49 14.18
N LEU A 443 -18.33 9.46 14.32
CA LEU A 443 -18.50 10.73 13.63
C LEU A 443 -18.10 10.68 12.15
N SER A 444 -17.22 9.74 11.80
CA SER A 444 -16.72 9.63 10.42
C SER A 444 -17.86 9.53 9.39
N ARG A 445 -18.82 8.64 9.65
CA ARG A 445 -19.95 8.46 8.73
C ARG A 445 -20.75 9.74 8.55
N VAL A 446 -21.01 10.44 9.67
CA VAL A 446 -21.72 11.71 9.65
C VAL A 446 -20.95 12.77 8.84
N MET A 447 -19.65 12.87 9.09
CA MET A 447 -18.81 13.84 8.39
C MET A 447 -18.85 13.61 6.89
N ILE A 448 -18.66 12.36 6.50
CA ILE A 448 -18.64 11.98 5.08
C ILE A 448 -19.97 12.36 4.41
N HIS A 449 -21.08 12.15 5.11
CA HIS A 449 -22.39 12.48 4.56
C HIS A 449 -22.55 13.97 4.28
N VAL A 450 -22.14 14.79 5.24
CA VAL A 450 -22.29 16.25 5.13
C VAL A 450 -21.28 16.86 4.17
N PHE A 451 -20.08 16.29 4.13
CA PHE A 451 -18.95 16.92 3.46
C PHE A 451 -18.75 16.50 2.00
N SER A 452 -19.31 15.34 1.63
CA SER A 452 -19.07 14.79 0.29
C SER A 452 -19.84 15.50 -0.81
N ASP A 453 -21.07 15.89 -0.53
CA ASP A 453 -21.94 16.46 -1.57
C ASP A 453 -21.56 17.89 -1.92
N GLY A 454 -21.64 18.21 -3.22
CA GLY A 454 -21.49 19.59 -3.67
C GLY A 454 -20.08 20.03 -4.03
N VAL A 455 -19.97 21.25 -4.55
CA VAL A 455 -18.69 21.83 -4.92
C VAL A 455 -17.74 21.95 -3.74
N THR A 456 -16.49 21.53 -3.94
CA THR A 456 -15.44 21.67 -2.94
C THR A 456 -14.78 23.03 -3.05
N ASN A 457 -14.57 23.70 -1.92
CA ASN A 457 -13.72 24.87 -1.88
C ASN A 457 -13.04 24.93 -0.52
N TRP A 458 -12.07 25.82 -0.38
CA TRP A 458 -11.31 25.89 0.86
C TRP A 458 -12.18 26.35 2.03
N GLY A 459 -13.21 27.15 1.75
CA GLY A 459 -14.10 27.61 2.80
C GLY A 459 -14.78 26.45 3.50
N ARG A 460 -15.23 25.47 2.73
CA ARG A 460 -15.91 24.30 3.32
C ARG A 460 -14.94 23.46 4.14
N ILE A 461 -13.71 23.36 3.67
CA ILE A 461 -12.67 22.65 4.39
C ILE A 461 -12.38 23.35 5.72
N VAL A 462 -12.37 24.68 5.71
CA VAL A 462 -12.16 25.42 6.95
C VAL A 462 -13.34 25.17 7.90
N THR A 463 -14.55 25.06 7.37
CA THR A 463 -15.71 24.82 8.22
C THR A 463 -15.64 23.43 8.88
N LEU A 464 -15.25 22.43 8.09
CA LEU A 464 -14.97 21.08 8.58
C LEU A 464 -14.02 21.11 9.78
N ILE A 465 -12.88 21.77 9.60
CA ILE A 465 -11.84 21.77 10.61
C ILE A 465 -12.25 22.65 11.79
N SER A 466 -12.94 23.75 11.49
CA SER A 466 -13.41 24.66 12.54
C SER A 466 -14.44 24.01 13.45
N PHE A 467 -15.35 23.23 12.89
CA PHE A 467 -16.28 22.52 13.77
C PHE A 467 -15.50 21.50 14.57
N GLY A 468 -14.48 20.89 13.97
CA GLY A 468 -13.59 20.01 14.72
C GLY A 468 -12.99 20.71 15.93
N ALA A 469 -12.51 21.92 15.74
CA ALA A 469 -11.94 22.70 16.84
C ALA A 469 -12.98 22.99 17.91
N PHE A 470 -14.20 23.31 17.48
CA PHE A 470 -15.33 23.53 18.40
C PHE A 470 -15.59 22.27 19.25
N VAL A 471 -15.64 21.12 18.59
CA VAL A 471 -15.82 19.85 19.30
C VAL A 471 -14.64 19.55 20.23
N ALA A 472 -13.43 19.85 19.77
CA ALA A 472 -12.24 19.67 20.61
C ALA A 472 -12.30 20.49 21.91
N LYS A 473 -12.71 21.75 21.80
CA LYS A 473 -12.90 22.58 22.99
C LYS A 473 -13.89 21.95 23.96
N HIS A 474 -14.99 21.45 23.42
CA HIS A 474 -15.98 20.74 24.22
C HIS A 474 -15.39 19.53 24.95
N LEU A 475 -14.64 18.71 24.22
CA LEU A 475 -14.04 17.51 24.79
C LEU A 475 -13.10 17.88 25.93
N LYS A 476 -12.31 18.93 25.74
CA LYS A 476 -11.44 19.44 26.79
C LYS A 476 -12.25 19.86 28.03
N THR A 477 -13.32 20.60 27.79
CA THR A 477 -14.14 21.14 28.87
C THR A 477 -14.73 20.03 29.74
N ILE A 478 -15.09 18.90 29.13
CA ILE A 478 -15.70 17.81 29.89
C ILE A 478 -14.70 16.72 30.28
N ASN A 479 -13.41 17.06 30.31
CA ASN A 479 -12.38 16.14 30.79
C ASN A 479 -12.24 14.89 29.89
N GLN A 480 -12.35 15.11 28.59
CA GLN A 480 -12.15 14.06 27.60
C GLN A 480 -11.10 14.51 26.60
N GLU A 481 -10.06 15.16 27.12
CA GLU A 481 -9.03 15.75 26.28
C GLU A 481 -8.33 14.69 25.43
N SER A 482 -8.30 13.46 25.94
CA SER A 482 -7.63 12.36 25.24
C SER A 482 -8.31 12.02 23.91
N CYS A 483 -9.57 12.42 23.77
CA CYS A 483 -10.34 12.15 22.56
C CYS A 483 -10.01 13.08 21.41
N ILE A 484 -9.21 14.12 21.68
CA ILE A 484 -8.94 15.12 20.66
C ILE A 484 -8.08 14.52 19.54
N GLU A 485 -7.13 13.67 19.89
CA GLU A 485 -6.27 13.12 18.83
C GLU A 485 -7.04 12.16 17.90
N PRO A 486 -7.86 11.23 18.45
CA PRO A 486 -8.68 10.45 17.50
C PRO A 486 -9.67 11.29 16.69
N LEU A 487 -10.18 12.39 17.26
CA LEU A 487 -11.01 13.31 16.50
C LEU A 487 -10.24 13.91 15.31
N ALA A 488 -9.02 14.38 15.57
CA ALA A 488 -8.19 14.93 14.51
C ALA A 488 -7.88 13.88 13.45
N GLU A 489 -7.61 12.65 13.88
CA GLU A 489 -7.30 11.59 12.91
C GLU A 489 -8.51 11.30 12.02
N SER A 490 -9.70 11.31 12.62
CA SER A 490 -10.93 11.04 11.89
C SER A 490 -11.23 12.12 10.86
N ILE A 491 -11.11 13.39 11.26
CA ILE A 491 -11.31 14.50 10.36
C ILE A 491 -10.31 14.45 9.21
N THR A 492 -9.05 14.18 9.53
CA THR A 492 -8.00 14.11 8.53
C THR A 492 -8.31 13.00 7.51
N ASP A 493 -8.70 11.83 8.01
CA ASP A 493 -9.03 10.72 7.15
C ASP A 493 -10.16 11.11 6.19
N VAL A 494 -11.21 11.75 6.71
CA VAL A 494 -12.33 12.14 5.87
C VAL A 494 -11.88 13.13 4.80
N LEU A 495 -11.09 14.11 5.20
CA LEU A 495 -10.65 15.15 4.30
C LEU A 495 -9.84 14.59 3.13
N VAL A 496 -8.82 13.81 3.45
CA VAL A 496 -7.87 13.41 2.41
C VAL A 496 -8.43 12.28 1.56
N ARG A 497 -9.36 11.49 2.09
CA ARG A 497 -10.01 10.47 1.27
C ARG A 497 -11.08 11.05 0.34
N THR A 498 -11.97 11.88 0.87
CA THR A 498 -13.08 12.37 0.05
C THR A 498 -12.66 13.47 -0.94
N LYS A 499 -11.58 14.19 -0.63
CA LYS A 499 -11.18 15.31 -1.48
C LYS A 499 -9.78 15.15 -2.08
N ARG A 500 -9.29 13.92 -2.10
CA ARG A 500 -7.97 13.60 -2.63
C ARG A 500 -7.62 14.33 -3.93
N ASP A 501 -8.41 14.12 -4.98
CA ASP A 501 -8.09 14.65 -6.31
C ASP A 501 -8.11 16.17 -6.29
N TRP A 502 -9.09 16.74 -5.60
CA TRP A 502 -9.22 18.19 -5.55
C TRP A 502 -8.02 18.78 -4.82
N LEU A 503 -7.65 18.17 -3.69
CA LEU A 503 -6.52 18.62 -2.89
C LEU A 503 -5.23 18.60 -3.71
N VAL A 504 -4.99 17.52 -4.45
CA VAL A 504 -3.77 17.46 -5.27
C VAL A 504 -3.81 18.52 -6.36
N LYS A 505 -4.98 18.74 -6.96
CA LYS A 505 -5.12 19.77 -7.97
C LYS A 505 -4.81 21.18 -7.43
N GLN A 506 -5.08 21.42 -6.15
CA GLN A 506 -4.78 22.73 -5.56
C GLN A 506 -3.35 22.84 -5.07
N ARG A 507 -2.54 21.81 -5.33
CA ARG A 507 -1.19 21.68 -4.78
C ARG A 507 -1.23 21.61 -3.25
N GLY A 508 -2.25 20.92 -2.75
CA GLY A 508 -2.36 20.66 -1.32
C GLY A 508 -2.44 21.92 -0.51
N TRP A 509 -1.75 21.95 0.62
CA TRP A 509 -1.89 23.05 1.55
C TRP A 509 -1.24 24.32 1.02
N ASP A 510 -0.36 24.20 0.03
CA ASP A 510 0.19 25.40 -0.60
C ASP A 510 -0.94 26.22 -1.26
N GLY A 511 -1.90 25.54 -1.87
CA GLY A 511 -3.01 26.22 -2.48
C GLY A 511 -3.89 26.96 -1.49
N PHE A 512 -4.04 26.36 -0.30
CA PHE A 512 -4.79 26.94 0.80
C PHE A 512 -4.16 28.27 1.23
N VAL A 513 -2.85 28.25 1.40
CA VAL A 513 -2.11 29.43 1.83
C VAL A 513 -2.24 30.53 0.78
N GLU A 514 -2.13 30.15 -0.49
CA GLU A 514 -2.21 31.13 -1.56
C GLU A 514 -3.62 31.69 -1.70
N PHE A 515 -4.62 30.83 -1.55
CA PHE A 515 -6.01 31.27 -1.71
C PHE A 515 -6.41 32.36 -0.72
N PHE A 516 -5.93 32.23 0.51
CA PHE A 516 -6.31 33.16 1.57
C PHE A 516 -5.23 34.19 1.93
N HIS A 517 -4.21 34.35 1.09
CA HIS A 517 -3.12 35.29 1.39
C HIS A 517 -3.63 36.70 1.64
C1 GLC B . 1.60 -8.86 -6.64
C2 GLC B . 2.23 -8.62 -5.28
C3 GLC B . 1.70 -7.36 -4.64
C4 GLC B . 1.83 -6.19 -5.62
C5 GLC B . 1.15 -6.53 -6.94
C6 GLC B . 1.40 -5.44 -8.00
O1 GLC B . 0.24 -9.15 -6.50
O2 GLC B . 1.90 -9.71 -4.44
O3 GLC B . 2.46 -7.11 -3.47
O4 GLC B . 1.19 -5.06 -5.07
O5 GLC B . 1.72 -7.73 -7.45
O6 GLC B . 0.47 -5.52 -9.07
C1 GLC B . 2.02 -4.09 -4.47
C2 GLC B . 1.42 -3.68 -3.13
C3 GLC B . 0.04 -3.11 -3.41
C4 GLC B . 0.15 -1.90 -4.34
C5 GLC B . 0.87 -2.33 -5.62
C6 GLC B . 1.19 -1.11 -6.48
O2 GLC B . 1.35 -4.81 -2.28
O3 GLC B . -0.60 -2.72 -2.20
O4 GLC B . -1.14 -1.42 -4.69
O5 GLC B . 2.10 -2.95 -5.28
O6 GLC B . 1.53 -1.49 -7.80
OAC 19H C . -19.90 20.99 4.22
CAQ 19H C . -20.44 21.99 4.78
OAD 19H C . -20.82 22.96 4.09
CAW 19H C . -20.65 22.05 6.31
NAO 19H C . -21.75 22.55 6.94
CAY 19H C . -21.58 22.47 8.31
CAK 19H C . -22.41 22.83 9.38
CAT 19H C . -22.00 22.62 10.70
CL2 19H C . -23.03 23.09 12.04
CAG 19H C . -20.76 22.06 10.96
CAH 19H C . -19.93 21.69 9.89
CAZ 19H C . -20.34 21.90 8.56
CAX 19H C . -19.75 21.64 7.30
CAN 19H C . -18.36 21.01 7.02
CAL 19H C . -18.47 19.52 6.73
CAM 19H C . -18.90 18.75 7.98
OAP 19H C . -17.92 19.08 9.01
CAU 19H C . -18.00 18.29 10.19
CAI 19H C . -19.15 17.55 10.46
CAR 19H C . -19.18 16.78 11.62
CAA 19H C . -20.46 15.96 11.94
CAV 19H C . -18.09 16.77 12.49
CL1 19H C . -18.12 15.81 13.94
CAS 19H C . -16.95 17.51 12.21
CAB 19H C . -15.72 17.50 13.16
CAJ 19H C . -16.89 18.27 11.05
MG MG D . 0.44 19.48 -9.81
MG MG E . 6.77 20.81 -0.47
C FMT F . -11.39 11.50 -5.05
O1 FMT F . -12.04 10.90 -4.20
O2 FMT F . -10.84 12.59 -4.84
C FMT G . 0.92 19.38 -6.87
O1 FMT G . 1.37 19.68 -5.76
O2 FMT G . 1.14 20.00 -7.92
C FMT H . -4.58 12.63 -13.08
O1 FMT H . -3.86 13.64 -12.97
O2 FMT H . -4.55 11.87 -14.04
C FMT I . 5.04 19.36 22.28
O1 FMT I . 4.84 18.65 21.30
O2 FMT I . 5.54 20.49 22.23
C FMT J . -5.86 -4.70 15.72
O1 FMT J . -6.71 -4.98 16.56
O2 FMT J . -5.92 -3.71 14.99
C FMT K . 8.95 -20.50 -26.54
O1 FMT K . 9.69 -19.79 -27.23
O2 FMT K . 7.80 -20.21 -26.22
C FMT L . 18.62 -18.73 -12.29
O1 FMT L . 17.42 -18.97 -12.45
O2 FMT L . 19.36 -18.33 -13.18
C FMT M . 16.03 -21.28 -13.86
O1 FMT M . 14.92 -21.81 -14.00
O2 FMT M . 16.71 -21.35 -12.84
C FMT N . 12.59 -18.22 -27.42
O1 FMT N . 12.33 -18.91 -26.43
O2 FMT N . 13.65 -18.30 -28.04
C FMT O . -11.12 -27.99 13.98
O1 FMT O . -12.22 -27.45 13.91
O2 FMT O . -10.33 -27.84 14.92
C FMT P . 21.54 -14.28 -9.49
O1 FMT P . 21.81 -13.10 -9.26
O2 FMT P . 21.84 -14.87 -10.53
C FMT Q . -2.33 -5.01 -12.88
O1 FMT Q . -1.72 -6.05 -12.62
O2 FMT Q . -2.04 -4.27 -13.82
C FMT R . 25.41 -10.38 -15.93
O1 FMT R . 24.35 -10.95 -16.09
O2 FMT R . 26.30 -10.33 -16.77
NA NA S . 27.37 -15.02 -24.21
C1 EDO T . 6.06 -2.41 9.67
O1 EDO T . 6.81 -1.24 9.39
C2 EDO T . 5.78 -3.08 8.33
O2 EDO T . 7.04 -3.32 7.69
C1 EDO U . 14.62 -8.09 3.75
O1 EDO U . 14.83 -9.34 3.09
C2 EDO U . 14.42 -6.98 2.73
O2 EDO U . 15.38 -5.93 2.95
C1 EDO V . -6.32 7.62 5.12
O1 EDO V . -6.24 7.49 6.54
C2 EDO V . -4.91 7.72 4.57
O2 EDO V . -4.93 7.49 3.15
C1 EDO W . 13.52 -15.22 4.20
O1 EDO W . 14.82 -15.79 4.33
C2 EDO W . 12.48 -16.33 4.31
O2 EDO W . 11.18 -15.74 4.45
#